data_4DGS
#
_entry.id   4DGS
#
_cell.length_a   79.657
_cell.length_b   71.155
_cell.length_c   55.148
_cell.angle_alpha   90.00
_cell.angle_beta   96.39
_cell.angle_gamma   90.00
#
_symmetry.space_group_name_H-M   'C 1 2 1'
#
loop_
_entity.id
_entity.type
_entity.pdbx_description
1 polymer Dehydrogenase
2 water water
#
_entity_poly.entity_id   1
_entity_poly.type   'polypeptide(L)'
_entity_poly.pdbx_seq_one_letter_code
;(MSE)HHHHHHSSGVDLGTENLYFQS(MSE)LEFRNVKPDLLLVEP(MSE)(MSE)PFV(MSE)DELQRNYSVHRLYQAA
DRPALEAALPSIRAVATGGGAGLSNEW(MSE)EKLPSLGIIAINGVGTDKVDLARARRRNIDVTTTPGVLADDVADLGIA
L(MSE)LAVLRRVGDGDRLVREGRWAAGEQLPLGHSPKGKRIGVLGLGQIGRALASRAEAFG(MSE)SVRYWNRSTLSGV
DWIAHQSPVDLARDSDVLAVCVAASAATQNIVDASLLQALGPEGIVVNVARGNVVDEDALIEALKSGTIAGAGLDVFVNE
PAIRSEFHTTPNTVL(MSE)PHQGSATVETR(MSE)A(MSE)GKLVLANLAAHFAGEKAPNTVN
;
_entity_poly.pdbx_strand_id   A
#
# COMPACT_ATOMS: atom_id res chain seq x y z
N LEU A 33 -21.33 -5.06 15.76
CA LEU A 33 -20.14 -5.75 15.26
C LEU A 33 -18.90 -5.35 16.01
N LEU A 34 -17.83 -6.11 15.82
CA LEU A 34 -16.58 -5.73 16.46
C LEU A 34 -15.74 -4.90 15.51
N LEU A 35 -15.60 -3.62 15.84
CA LEU A 35 -14.72 -2.72 15.11
C LEU A 35 -13.35 -2.72 15.76
N VAL A 36 -12.46 -3.54 15.24
CA VAL A 36 -11.14 -3.67 15.82
C VAL A 36 -10.30 -2.38 15.71
N GLU A 37 -10.48 -1.66 14.61
CA GLU A 37 -9.69 -0.46 14.35
C GLU A 37 -10.56 0.74 13.98
N PRO A 38 -10.04 1.95 14.21
CA PRO A 38 -10.71 3.11 13.64
C PRO A 38 -10.56 3.07 12.12
N MSE A 39 -11.63 3.37 11.41
CA MSE A 39 -11.53 3.75 10.02
C MSE A 39 -12.09 5.18 9.89
O MSE A 39 -12.37 5.82 10.90
CB MSE A 39 -12.26 2.77 9.11
CG MSE A 39 -13.25 1.87 9.81
SE MSE A 39 -13.32 0.13 8.91
CE MSE A 39 -11.98 -0.85 9.96
N MSE A 40 -12.25 5.65 8.65
CA MSE A 40 -12.64 7.04 8.41
C MSE A 40 -13.98 7.39 9.04
O MSE A 40 -14.91 6.60 8.98
CB MSE A 40 -12.75 7.37 6.93
CG MSE A 40 -11.88 6.57 6.03
SE MSE A 40 -12.55 6.92 4.25
CE MSE A 40 -12.10 8.83 4.21
N PRO A 41 -14.09 8.62 9.55
CA PRO A 41 -15.26 9.06 10.28
C PRO A 41 -16.53 8.67 9.54
N PHE A 42 -16.49 8.70 8.21
CA PHE A 42 -17.69 8.51 7.42
C PHE A 42 -17.87 7.05 6.98
N VAL A 43 -16.83 6.25 7.14
CA VAL A 43 -16.98 4.81 7.11
C VAL A 43 -17.57 4.37 8.45
N MSE A 44 -17.16 5.06 9.51
CA MSE A 44 -17.71 4.90 10.84
C MSE A 44 -19.21 5.14 10.88
O MSE A 44 -19.95 4.39 11.49
CB MSE A 44 -17.09 5.92 11.79
CG MSE A 44 -15.59 5.89 11.85
SE MSE A 44 -15.08 4.22 12.66
CE MSE A 44 -16.45 4.16 14.09
N ASP A 45 -19.64 6.23 10.24
CA ASP A 45 -21.03 6.64 10.30
C ASP A 45 -21.91 5.66 9.55
N GLU A 46 -21.34 5.06 8.52
CA GLU A 46 -22.03 4.05 7.72
C GLU A 46 -22.22 2.77 8.52
N LEU A 47 -21.45 2.65 9.59
CA LEU A 47 -21.46 1.47 10.43
C LEU A 47 -22.45 1.68 11.56
N GLN A 48 -22.32 2.82 12.22
CA GLN A 48 -23.17 3.12 13.37
C GLN A 48 -24.61 3.29 12.97
N ARG A 49 -24.86 3.22 11.66
CA ARG A 49 -26.21 3.31 11.13
C ARG A 49 -26.80 1.91 11.00
N ASN A 50 -26.14 1.06 10.22
CA ASN A 50 -26.58 -0.32 10.02
C ASN A 50 -26.29 -1.24 11.22
N TYR A 51 -25.32 -0.85 12.02
CA TYR A 51 -24.78 -1.78 13.00
C TYR A 51 -24.59 -1.16 14.36
N SER A 52 -24.77 -1.98 15.40
CA SER A 52 -24.37 -1.59 16.75
C SER A 52 -22.89 -1.91 16.84
N VAL A 53 -22.07 -0.86 16.94
CA VAL A 53 -20.64 -1.05 16.79
C VAL A 53 -19.92 -0.94 18.11
N HIS A 54 -19.18 -2.00 18.42
CA HIS A 54 -18.33 -2.04 19.61
C HIS A 54 -16.87 -1.94 19.21
N ARG A 55 -16.22 -0.83 19.57
CA ARG A 55 -14.82 -0.66 19.21
C ARG A 55 -13.90 -1.26 20.24
N LEU A 56 -13.12 -2.23 19.79
CA LEU A 56 -12.18 -2.92 20.68
C LEU A 56 -11.24 -1.93 21.36
N TYR A 57 -10.96 -0.81 20.69
CA TYR A 57 -9.95 0.15 21.12
C TYR A 57 -10.47 1.23 22.06
N GLN A 58 -11.79 1.34 22.19
CA GLN A 58 -12.33 2.35 23.09
C GLN A 58 -12.76 1.72 24.42
N ALA A 59 -12.28 2.31 25.52
CA ALA A 59 -12.58 1.82 26.86
C ALA A 59 -14.05 2.03 27.18
N ALA A 60 -14.62 3.09 26.62
CA ALA A 60 -16.00 3.48 26.89
C ALA A 60 -17.05 2.48 26.41
N ASP A 61 -16.64 1.45 25.69
CA ASP A 61 -17.56 0.36 25.29
C ASP A 61 -16.98 -1.03 25.52
N ARG A 62 -16.14 -1.17 26.55
CA ARG A 62 -15.62 -2.46 26.94
C ARG A 62 -16.70 -3.35 27.56
N PRO A 63 -17.56 -2.77 28.41
CA PRO A 63 -18.65 -3.53 29.02
C PRO A 63 -19.62 -4.08 27.99
N ALA A 64 -20.30 -3.18 27.31
CA ALA A 64 -21.27 -3.55 26.30
C ALA A 64 -20.63 -4.42 25.22
N LEU A 65 -19.30 -4.37 25.12
CA LEU A 65 -18.59 -5.22 24.19
C LEU A 65 -18.61 -6.63 24.74
N GLU A 66 -18.21 -6.76 26.01
CA GLU A 66 -18.22 -8.03 26.73
C GLU A 66 -19.59 -8.65 26.64
N ALA A 67 -20.60 -7.90 27.05
CA ALA A 67 -21.96 -8.38 26.90
C ALA A 67 -22.15 -8.99 25.51
N ALA A 68 -21.98 -8.16 24.48
CA ALA A 68 -22.32 -8.53 23.09
C ALA A 68 -21.64 -9.77 22.51
N LEU A 69 -20.56 -10.23 23.13
CA LEU A 69 -19.75 -11.29 22.54
C LEU A 69 -20.53 -12.42 21.86
N PRO A 70 -21.55 -12.98 22.54
CA PRO A 70 -22.23 -14.13 21.93
C PRO A 70 -23.14 -13.69 20.79
N SER A 71 -23.57 -12.45 20.84
CA SER A 71 -24.41 -11.94 19.76
C SER A 71 -23.65 -10.93 18.92
N ILE A 72 -22.48 -11.38 18.44
CA ILE A 72 -21.63 -10.60 17.55
C ILE A 72 -21.28 -11.50 16.37
N ARG A 73 -21.63 -11.03 15.17
CA ARG A 73 -21.52 -11.87 13.98
C ARG A 73 -20.53 -11.30 12.97
N ALA A 74 -20.01 -10.11 13.26
CA ALA A 74 -19.23 -9.36 12.29
C ALA A 74 -18.09 -8.60 12.95
N VAL A 75 -16.91 -8.74 12.33
CA VAL A 75 -15.74 -7.99 12.71
C VAL A 75 -15.32 -7.15 11.51
N ALA A 76 -15.09 -5.86 11.74
CA ALA A 76 -14.42 -5.01 10.76
C ALA A 76 -13.03 -4.70 11.31
N THR A 77 -12.02 -4.83 10.46
CA THR A 77 -10.65 -4.71 10.90
C THR A 77 -9.76 -4.24 9.76
N GLY A 78 -8.46 -4.07 10.01
CA GLY A 78 -7.53 -3.74 8.95
C GLY A 78 -6.44 -4.77 8.88
N GLY A 79 -5.68 -4.77 7.79
CA GLY A 79 -4.65 -5.78 7.57
C GLY A 79 -3.64 -5.85 8.70
N GLY A 80 -3.41 -4.73 9.35
CA GLY A 80 -2.40 -4.67 10.35
C GLY A 80 -2.86 -5.34 11.62
N ALA A 81 -4.13 -5.18 11.97
CA ALA A 81 -4.62 -5.73 13.23
C ALA A 81 -5.08 -7.18 13.07
N GLY A 82 -5.81 -7.44 11.99
CA GLY A 82 -6.41 -8.75 11.75
C GLY A 82 -7.33 -9.12 12.89
N LEU A 83 -7.38 -10.42 13.18
CA LEU A 83 -8.16 -10.94 14.29
C LEU A 83 -7.48 -12.20 14.81
N SER A 84 -6.91 -12.11 16.00
CA SER A 84 -6.19 -13.23 16.59
C SER A 84 -7.12 -14.40 16.79
N ASN A 85 -6.54 -15.58 16.93
CA ASN A 85 -7.32 -16.77 17.18
C ASN A 85 -8.06 -16.64 18.50
N GLU A 86 -7.41 -16.05 19.50
CA GLU A 86 -8.02 -15.83 20.81
C GLU A 86 -9.36 -15.15 20.69
N TRP A 87 -9.39 -14.06 19.93
CA TRP A 87 -10.62 -13.30 19.80
C TRP A 87 -11.64 -14.05 19.00
N MSE A 88 -11.16 -14.76 17.99
CA MSE A 88 -12.04 -15.55 17.15
C MSE A 88 -12.79 -16.56 18.02
O MSE A 88 -14.01 -16.65 17.93
CB MSE A 88 -11.23 -16.26 16.08
CG MSE A 88 -11.99 -16.52 14.80
SE MSE A 88 -10.92 -17.58 13.54
CE MSE A 88 -9.67 -16.24 12.88
N GLU A 89 -12.07 -17.29 18.86
CA GLU A 89 -12.65 -18.24 19.81
C GLU A 89 -13.66 -17.60 20.77
N LYS A 90 -13.53 -16.30 21.01
CA LYS A 90 -14.44 -15.55 21.85
C LYS A 90 -15.76 -15.24 21.15
N LEU A 91 -15.75 -15.28 19.82
CA LEU A 91 -16.91 -14.93 19.02
C LEU A 91 -17.55 -16.14 18.34
N PRO A 92 -18.44 -16.84 19.06
CA PRO A 92 -19.16 -18.04 18.61
C PRO A 92 -20.12 -17.80 17.43
N SER A 93 -20.71 -16.62 17.37
CA SER A 93 -21.64 -16.31 16.27
C SER A 93 -20.97 -15.72 15.03
N LEU A 94 -19.76 -15.19 15.21
CA LEU A 94 -19.04 -14.55 14.11
C LEU A 94 -19.10 -15.34 12.81
N GLY A 95 -19.59 -14.70 11.75
CA GLY A 95 -19.66 -15.32 10.44
C GLY A 95 -18.82 -14.60 9.39
N ILE A 96 -18.46 -13.35 9.67
CA ILE A 96 -17.64 -12.59 8.72
C ILE A 96 -16.56 -11.72 9.38
N ILE A 97 -15.35 -11.79 8.82
CA ILE A 97 -14.28 -10.87 9.16
C ILE A 97 -13.98 -10.04 7.92
N ALA A 98 -14.41 -8.78 7.94
CA ALA A 98 -14.20 -7.91 6.80
C ALA A 98 -12.94 -7.08 6.98
N ILE A 99 -11.95 -7.34 6.13
CA ILE A 99 -10.69 -6.63 6.19
C ILE A 99 -10.68 -5.39 5.29
N ASN A 100 -10.53 -4.24 5.93
CA ASN A 100 -10.29 -2.99 5.22
C ASN A 100 -8.85 -3.03 4.77
N GLY A 101 -8.61 -3.64 3.62
CA GLY A 101 -7.27 -3.87 3.13
C GLY A 101 -7.21 -5.22 2.42
N VAL A 102 -6.00 -5.63 2.06
CA VAL A 102 -5.77 -6.89 1.38
C VAL A 102 -4.77 -7.77 2.14
N GLY A 103 -4.22 -7.25 3.24
CA GLY A 103 -3.33 -8.02 4.09
C GLY A 103 -4.01 -9.13 4.91
N THR A 104 -3.42 -10.32 4.90
CA THR A 104 -4.03 -11.47 5.57
C THR A 104 -3.12 -12.14 6.61
N ASP A 105 -1.89 -11.66 6.76
CA ASP A 105 -1.00 -12.19 7.76
C ASP A 105 -1.50 -12.09 9.21
N LYS A 106 -2.49 -11.24 9.46
CA LYS A 106 -2.94 -11.00 10.83
C LYS A 106 -4.21 -11.75 11.18
N VAL A 107 -4.58 -12.68 10.31
CA VAL A 107 -5.74 -13.55 10.52
C VAL A 107 -5.50 -14.93 9.92
N ASP A 108 -5.98 -15.95 10.62
CA ASP A 108 -5.80 -17.35 10.22
C ASP A 108 -6.92 -17.68 9.26
N LEU A 109 -6.60 -17.69 7.97
CA LEU A 109 -7.61 -17.85 6.94
C LEU A 109 -8.34 -19.18 7.01
N ALA A 110 -7.61 -20.29 7.01
CA ALA A 110 -8.22 -21.63 7.06
C ALA A 110 -9.01 -21.87 8.35
N ARG A 111 -8.51 -21.31 9.46
CA ARG A 111 -9.18 -21.49 10.75
C ARG A 111 -10.57 -20.89 10.76
N ALA A 112 -10.71 -19.70 10.19
CA ALA A 112 -12.02 -19.10 10.02
C ALA A 112 -12.88 -20.00 9.13
N ARG A 113 -12.28 -20.47 8.04
CA ARG A 113 -12.99 -21.33 7.10
C ARG A 113 -13.56 -22.57 7.84
N ARG A 114 -12.76 -23.20 8.69
CA ARG A 114 -13.21 -24.36 9.47
C ARG A 114 -14.31 -24.00 10.48
N ARG A 115 -14.34 -22.74 10.90
CA ARG A 115 -15.44 -22.24 11.69
C ARG A 115 -16.51 -21.65 10.78
N ASN A 116 -16.34 -21.87 9.48
CA ASN A 116 -17.30 -21.40 8.48
C ASN A 116 -17.49 -19.87 8.46
N ILE A 117 -16.42 -19.15 8.78
CA ILE A 117 -16.44 -17.69 8.78
C ILE A 117 -15.91 -17.16 7.46
N ASP A 118 -16.60 -16.17 6.89
CA ASP A 118 -16.15 -15.54 5.66
C ASP A 118 -15.15 -14.40 5.87
N VAL A 119 -13.95 -14.53 5.32
CA VAL A 119 -12.93 -13.49 5.47
C VAL A 119 -12.73 -12.75 4.16
N THR A 120 -13.09 -11.46 4.15
CA THR A 120 -13.11 -10.69 2.91
C THR A 120 -11.99 -9.69 2.86
N THR A 121 -11.74 -9.14 1.68
CA THR A 121 -10.73 -8.10 1.50
C THR A 121 -11.29 -7.01 0.61
N THR A 122 -10.42 -6.12 0.14
CA THR A 122 -10.84 -5.00 -0.70
C THR A 122 -9.83 -4.84 -1.84
N PRO A 123 -9.89 -5.74 -2.83
CA PRO A 123 -8.98 -5.87 -3.98
C PRO A 123 -9.11 -4.76 -5.03
N GLY A 124 -8.03 -4.55 -5.78
CA GLY A 124 -8.07 -3.74 -7.00
C GLY A 124 -8.41 -2.27 -6.85
N VAL A 125 -8.18 -1.73 -5.66
CA VAL A 125 -8.64 -0.38 -5.30
C VAL A 125 -7.54 0.67 -5.06
N LEU A 126 -6.32 0.24 -4.79
CA LEU A 126 -5.28 1.16 -4.31
C LEU A 126 -4.05 1.32 -5.21
N ALA A 127 -3.92 0.48 -6.22
CA ALA A 127 -2.72 0.42 -7.07
C ALA A 127 -2.44 1.74 -7.76
N ASP A 128 -3.48 2.35 -8.32
CA ASP A 128 -3.29 3.60 -9.03
C ASP A 128 -2.62 4.62 -8.12
N ASP A 129 -3.19 4.87 -6.94
CA ASP A 129 -2.67 5.87 -6.01
C ASP A 129 -1.25 5.54 -5.54
N VAL A 130 -0.97 4.27 -5.27
CA VAL A 130 0.39 3.89 -4.95
C VAL A 130 1.33 4.24 -6.09
N ALA A 131 0.81 4.20 -7.32
CA ALA A 131 1.63 4.45 -8.50
C ALA A 131 1.80 5.95 -8.68
N ASP A 132 0.80 6.70 -8.23
CA ASP A 132 0.88 8.17 -8.23
C ASP A 132 2.00 8.67 -7.30
N LEU A 133 2.01 8.19 -6.06
CA LEU A 133 3.05 8.50 -5.10
C LEU A 133 4.41 8.07 -5.62
N GLY A 134 4.50 6.94 -6.28
CA GLY A 134 5.78 6.50 -6.82
C GLY A 134 6.34 7.48 -7.83
N ILE A 135 5.45 8.00 -8.68
CA ILE A 135 5.82 8.98 -9.69
C ILE A 135 6.13 10.32 -9.02
N ALA A 136 5.31 10.68 -8.05
CA ALA A 136 5.47 11.94 -7.31
C ALA A 136 6.85 11.98 -6.63
N LEU A 137 7.20 10.88 -5.96
CA LEU A 137 8.51 10.76 -5.33
C LEU A 137 9.62 10.86 -6.37
N MSE A 138 9.37 10.31 -7.55
CA MSE A 138 10.34 10.29 -8.64
C MSE A 138 10.67 11.70 -9.15
O MSE A 138 11.82 12.11 -9.19
CB MSE A 138 9.81 9.45 -9.80
CG MSE A 138 10.74 9.38 -10.98
SE MSE A 138 9.84 8.62 -12.56
CE MSE A 138 11.32 7.61 -13.28
N LEU A 139 9.64 12.43 -9.58
CA LEU A 139 9.75 13.83 -9.90
C LEU A 139 10.43 14.59 -8.75
N ALA A 140 10.07 14.22 -7.52
CA ALA A 140 10.63 14.83 -6.32
C ALA A 140 12.16 14.71 -6.23
N VAL A 141 12.67 13.52 -6.52
CA VAL A 141 14.12 13.32 -6.54
C VAL A 141 14.75 13.94 -7.82
N LEU A 142 14.25 13.54 -8.97
CA LEU A 142 14.62 14.12 -10.27
C LEU A 142 14.77 15.66 -10.20
N ARG A 143 13.77 16.31 -9.63
CA ARG A 143 13.67 17.73 -9.72
C ARG A 143 13.96 18.47 -8.41
N ARG A 144 14.57 17.76 -7.46
CA ARG A 144 14.96 18.29 -6.15
C ARG A 144 13.84 19.06 -5.45
N VAL A 145 12.69 18.41 -5.28
CA VAL A 145 11.54 19.13 -4.75
C VAL A 145 11.62 19.27 -3.23
N GLY A 146 12.27 18.32 -2.58
CA GLY A 146 12.57 18.43 -1.16
C GLY A 146 13.63 19.48 -0.92
N ASP A 147 14.86 19.20 -1.37
CA ASP A 147 15.99 20.12 -1.20
C ASP A 147 15.64 21.53 -1.66
N GLY A 148 14.79 21.62 -2.68
CA GLY A 148 14.38 22.90 -3.22
C GLY A 148 13.37 23.62 -2.35
N ASP A 149 12.48 22.86 -1.73
CA ASP A 149 11.41 23.44 -0.93
C ASP A 149 11.94 24.01 0.40
N ARG A 150 12.87 23.29 1.03
CA ARG A 150 13.39 23.72 2.32
C ARG A 150 14.24 24.96 2.13
N LEU A 151 15.09 24.96 1.11
CA LEU A 151 15.99 26.09 0.82
C LEU A 151 15.26 27.42 0.66
N VAL A 152 14.01 27.37 0.23
CA VAL A 152 13.18 28.56 0.19
C VAL A 152 12.60 28.80 1.59
N ARG A 153 12.19 27.71 2.23
CA ARG A 153 11.56 27.80 3.52
C ARG A 153 12.56 28.15 4.58
N GLU A 154 13.74 27.58 4.46
CA GLU A 154 14.88 27.91 5.29
C GLU A 154 15.54 29.20 4.82
N GLY A 155 14.78 30.06 4.13
CA GLY A 155 15.31 31.32 3.62
C GLY A 155 16.74 31.27 3.10
N ARG A 156 17.13 30.14 2.52
CA ARG A 156 18.49 29.96 2.00
C ARG A 156 18.64 30.37 0.54
N TRP A 157 17.52 30.46 -0.19
CA TRP A 157 17.51 30.91 -1.58
C TRP A 157 18.10 32.32 -1.72
N PRO A 164 21.02 24.02 -7.48
CA PRO A 164 21.61 22.87 -8.19
C PRO A 164 20.68 22.32 -9.27
N LEU A 165 21.15 22.33 -10.51
CA LEU A 165 20.37 21.82 -11.65
C LEU A 165 19.81 20.40 -11.42
N GLY A 166 18.56 20.20 -11.82
CA GLY A 166 17.91 18.90 -11.67
C GLY A 166 18.04 18.06 -12.92
N HIS A 167 17.23 17.02 -13.02
CA HIS A 167 17.23 16.18 -14.23
C HIS A 167 15.81 15.94 -14.77
N SER A 168 15.69 15.99 -16.10
CA SER A 168 14.43 15.68 -16.77
C SER A 168 14.26 14.17 -16.94
N PRO A 169 13.00 13.68 -16.90
CA PRO A 169 12.72 12.26 -17.05
C PRO A 169 12.71 11.87 -18.52
N LYS A 170 12.58 12.86 -19.39
CA LYS A 170 12.35 12.61 -20.80
C LYS A 170 13.50 11.90 -21.47
N GLY A 171 13.18 10.76 -22.10
CA GLY A 171 14.18 9.95 -22.77
C GLY A 171 14.99 9.10 -21.81
N LYS A 172 14.59 9.06 -20.55
CA LYS A 172 15.29 8.20 -19.60
C LYS A 172 14.56 6.89 -19.38
N ARG A 173 15.35 5.82 -19.21
CA ARG A 173 14.87 4.47 -18.97
C ARG A 173 14.26 4.32 -17.59
N ILE A 174 12.97 4.08 -17.52
CA ILE A 174 12.40 3.66 -16.25
C ILE A 174 12.28 2.14 -16.17
N GLY A 175 13.08 1.54 -15.29
CA GLY A 175 13.00 0.11 -15.04
C GLY A 175 11.99 -0.16 -13.94
N VAL A 176 11.01 -1.00 -14.22
CA VAL A 176 9.99 -1.32 -13.22
C VAL A 176 10.18 -2.73 -12.66
N LEU A 177 10.38 -2.80 -11.35
CA LEU A 177 10.57 -4.06 -10.63
C LEU A 177 9.21 -4.55 -10.12
N GLY A 178 8.67 -5.57 -10.80
CA GLY A 178 7.32 -6.06 -10.55
C GLY A 178 6.27 -5.34 -11.40
N LEU A 179 5.96 -5.88 -12.58
CA LEU A 179 4.93 -5.31 -13.44
C LEU A 179 3.52 -5.79 -13.12
N GLY A 180 3.09 -5.61 -11.88
CA GLY A 180 1.74 -5.96 -11.51
C GLY A 180 0.79 -4.81 -11.78
N GLN A 181 -0.28 -4.74 -11.00
CA GLN A 181 -1.20 -3.61 -11.06
C GLN A 181 -0.45 -2.28 -10.86
N ILE A 182 0.14 -2.10 -9.68
CA ILE A 182 0.91 -0.90 -9.38
C ILE A 182 1.99 -0.67 -10.43
N GLY A 183 2.67 -1.74 -10.84
CA GLY A 183 3.68 -1.66 -11.86
C GLY A 183 3.18 -1.10 -13.19
N ARG A 184 2.04 -1.59 -13.67
CA ARG A 184 1.51 -1.13 -14.96
C ARG A 184 1.07 0.32 -14.90
N ALA A 185 0.28 0.63 -13.88
CA ALA A 185 -0.16 2.01 -13.63
C ALA A 185 1.01 2.99 -13.67
N LEU A 186 2.11 2.61 -13.02
CA LEU A 186 3.24 3.50 -12.86
C LEU A 186 3.99 3.69 -14.19
N ALA A 187 4.11 2.61 -14.95
CA ALA A 187 4.75 2.64 -16.24
C ALA A 187 4.01 3.58 -17.24
N SER A 188 2.70 3.42 -17.37
CA SER A 188 1.97 4.28 -18.29
C SER A 188 2.11 5.73 -17.89
N ARG A 189 2.00 6.00 -16.60
CA ARG A 189 2.14 7.38 -16.12
C ARG A 189 3.52 7.92 -16.49
N ALA A 190 4.52 7.04 -16.46
CA ALA A 190 5.90 7.39 -16.77
C ALA A 190 6.12 7.57 -18.25
N GLU A 191 5.23 7.00 -19.08
CA GLU A 191 5.33 7.17 -20.53
C GLU A 191 5.00 8.61 -20.96
N ALA A 192 4.07 9.21 -20.25
CA ALA A 192 3.65 10.59 -20.49
C ALA A 192 4.78 11.59 -20.32
N PHE A 193 5.82 11.23 -19.56
CA PHE A 193 6.94 12.14 -19.32
C PHE A 193 8.09 11.95 -20.32
N GLY A 194 7.83 11.11 -21.31
CA GLY A 194 8.79 10.83 -22.37
C GLY A 194 9.77 9.77 -21.97
N MSE A 195 9.36 8.90 -21.04
CA MSE A 195 10.22 7.83 -20.54
C MSE A 195 10.02 6.52 -21.32
O MSE A 195 8.92 6.24 -21.76
CB MSE A 195 9.92 7.57 -19.04
CG MSE A 195 10.07 8.79 -18.15
SE MSE A 195 10.25 8.35 -16.24
CE MSE A 195 12.14 7.80 -16.24
N SER A 196 11.08 5.75 -21.48
CA SER A 196 10.96 4.45 -22.14
C SER A 196 10.88 3.33 -21.12
N VAL A 197 9.82 2.52 -21.20
CA VAL A 197 9.55 1.52 -20.17
C VAL A 197 10.33 0.24 -20.43
N ARG A 198 10.92 -0.29 -19.37
CA ARG A 198 11.49 -1.60 -19.30
C ARG A 198 11.00 -2.19 -18.00
N TYR A 199 10.90 -3.50 -17.90
CA TYR A 199 10.39 -4.10 -16.68
C TYR A 199 10.91 -5.47 -16.39
N TRP A 200 10.79 -5.85 -15.13
CA TRP A 200 11.01 -7.19 -14.65
C TRP A 200 9.74 -7.64 -13.98
N ASN A 201 9.34 -8.84 -14.29
CA ASN A 201 8.43 -9.25 -15.29
C ASN A 201 7.44 -10.15 -14.65
N ARG A 202 7.96 -11.33 -14.38
CA ARG A 202 7.23 -12.44 -13.86
C ARG A 202 6.56 -13.09 -15.04
N SER A 203 6.00 -12.26 -15.90
CA SER A 203 5.54 -12.61 -17.23
C SER A 203 5.54 -11.38 -18.09
N THR A 204 5.41 -11.60 -19.39
CA THR A 204 5.46 -10.57 -20.41
C THR A 204 4.08 -10.04 -20.71
N LEU A 205 3.96 -8.74 -20.94
CA LEU A 205 2.68 -8.07 -21.13
C LEU A 205 2.36 -7.74 -22.60
N SER A 206 1.22 -8.22 -23.07
CA SER A 206 0.81 -7.98 -24.44
C SER A 206 0.09 -6.65 -24.60
N GLY A 207 0.32 -5.97 -25.72
CA GLY A 207 -0.44 -4.77 -26.02
C GLY A 207 0.40 -3.52 -25.91
N VAL A 208 1.55 -3.66 -25.26
CA VAL A 208 2.45 -2.54 -25.11
C VAL A 208 3.79 -2.87 -25.76
N ASP A 209 4.60 -1.84 -25.95
CA ASP A 209 5.90 -2.01 -26.59
C ASP A 209 7.02 -1.96 -25.56
N TRP A 210 6.68 -2.14 -24.28
CA TRP A 210 7.69 -2.15 -23.22
C TRP A 210 8.59 -3.37 -23.36
N ILE A 211 9.88 -3.20 -23.08
CA ILE A 211 10.78 -4.34 -23.16
C ILE A 211 10.93 -5.06 -21.83
N ALA A 212 10.99 -6.39 -21.90
CA ALA A 212 11.22 -7.22 -20.72
C ALA A 212 12.69 -7.64 -20.57
N HIS A 213 13.20 -7.57 -19.33
CA HIS A 213 14.56 -8.02 -19.03
C HIS A 213 14.51 -9.35 -18.29
N GLN A 214 15.49 -10.22 -18.55
CA GLN A 214 15.51 -11.57 -17.96
C GLN A 214 15.44 -11.57 -16.44
N SER A 215 16.20 -10.69 -15.80
CA SER A 215 16.33 -10.70 -14.35
C SER A 215 16.47 -9.29 -13.77
N PRO A 216 16.33 -9.16 -12.44
CA PRO A 216 16.45 -7.85 -11.78
C PRO A 216 17.75 -7.08 -12.04
N VAL A 217 18.90 -7.77 -12.10
CA VAL A 217 20.16 -7.09 -12.35
C VAL A 217 20.23 -6.65 -13.80
N ASP A 218 19.67 -7.46 -14.68
CA ASP A 218 19.58 -7.09 -16.09
C ASP A 218 18.80 -5.80 -16.16
N LEU A 219 17.69 -5.75 -15.43
CA LEU A 219 16.86 -4.55 -15.37
C LEU A 219 17.67 -3.33 -14.91
N ALA A 220 18.36 -3.46 -13.78
CA ALA A 220 19.17 -2.36 -13.22
C ALA A 220 20.21 -1.80 -14.20
N ARG A 221 20.93 -2.69 -14.88
CA ARG A 221 21.98 -2.26 -15.80
C ARG A 221 21.42 -1.46 -16.99
N ASP A 222 20.10 -1.50 -17.13
CA ASP A 222 19.44 -0.84 -18.27
C ASP A 222 18.41 0.19 -17.82
N SER A 223 18.54 0.67 -16.58
CA SER A 223 17.61 1.66 -16.04
C SER A 223 18.26 2.96 -15.56
N ASP A 224 17.54 4.05 -15.73
CA ASP A 224 17.99 5.35 -15.23
C ASP A 224 17.22 5.66 -13.95
N VAL A 225 15.96 5.23 -13.90
CA VAL A 225 15.23 5.22 -12.64
C VAL A 225 14.64 3.83 -12.38
N LEU A 226 14.99 3.25 -11.24
CA LEU A 226 14.46 1.94 -10.83
C LEU A 226 13.22 2.10 -9.97
N ALA A 227 12.09 1.60 -10.46
CA ALA A 227 10.86 1.62 -9.66
C ALA A 227 10.61 0.25 -9.05
N VAL A 228 10.57 0.18 -7.72
CA VAL A 228 10.32 -1.08 -7.04
C VAL A 228 8.85 -1.22 -6.80
N CYS A 229 8.24 -2.16 -7.52
CA CYS A 229 6.81 -2.32 -7.41
C CYS A 229 6.39 -3.75 -7.05
N VAL A 230 7.36 -4.66 -6.85
CA VAL A 230 7.04 -6.01 -6.35
C VAL A 230 6.23 -5.87 -5.09
N ASP A 241 19.96 -4.91 -4.42
CA ASP A 241 21.27 -5.19 -3.95
C ASP A 241 22.18 -4.02 -3.89
N ALA A 242 23.46 -4.34 -3.73
CA ALA A 242 24.55 -3.43 -3.84
C ALA A 242 24.91 -3.51 -5.25
N SER A 243 24.84 -4.70 -5.77
CA SER A 243 25.21 -4.88 -7.12
C SER A 243 24.14 -4.36 -8.01
N LEU A 244 22.90 -4.38 -7.57
CA LEU A 244 21.86 -3.81 -8.38
C LEU A 244 22.00 -2.32 -8.33
N LEU A 245 22.13 -1.80 -7.12
CA LEU A 245 22.31 -0.39 -6.91
C LEU A 245 23.49 0.09 -7.67
N GLN A 246 24.47 -0.76 -7.83
CA GLN A 246 25.70 -0.34 -8.45
C GLN A 246 25.56 -0.32 -9.95
N ALA A 247 24.61 -1.08 -10.47
CA ALA A 247 24.39 -1.18 -11.89
C ALA A 247 23.54 -0.03 -12.39
N LEU A 248 22.84 0.62 -11.47
CA LEU A 248 22.09 1.81 -11.79
C LEU A 248 23.00 2.99 -12.08
N GLY A 249 24.25 2.88 -11.65
CA GLY A 249 25.26 3.90 -11.84
C GLY A 249 25.06 5.09 -10.91
N PRO A 250 25.89 6.15 -11.08
CA PRO A 250 25.90 7.38 -10.29
C PRO A 250 24.86 8.39 -10.73
N GLU A 251 24.23 8.19 -11.88
CA GLU A 251 23.15 9.09 -12.29
C GLU A 251 21.79 8.53 -11.89
N GLY A 252 21.70 7.21 -11.67
CA GLY A 252 20.43 6.52 -11.49
C GLY A 252 19.80 6.76 -10.13
N ILE A 253 18.51 6.47 -10.01
CA ILE A 253 17.83 6.56 -8.71
C ILE A 253 16.87 5.41 -8.41
N VAL A 254 16.61 5.19 -7.12
CA VAL A 254 15.71 4.13 -6.69
C VAL A 254 14.47 4.70 -6.02
N VAL A 255 13.30 4.16 -6.40
CA VAL A 255 12.03 4.59 -5.84
C VAL A 255 11.27 3.41 -5.25
N ASN A 256 11.10 3.42 -3.94
CA ASN A 256 10.40 2.35 -3.24
C ASN A 256 8.92 2.66 -3.02
N VAL A 257 8.07 1.64 -3.19
CA VAL A 257 6.64 1.79 -3.00
C VAL A 257 6.02 0.49 -2.53
N ALA A 258 6.86 -0.51 -2.28
CA ALA A 258 6.40 -1.82 -1.82
C ALA A 258 6.77 -2.09 -0.34
N ARG A 259 7.87 -2.77 -0.10
CA ARG A 259 8.24 -3.19 1.24
C ARG A 259 9.53 -2.49 1.61
N GLY A 260 10.01 -2.78 2.80
CA GLY A 260 11.29 -2.35 3.26
C GLY A 260 12.43 -3.09 2.61
N GLY A 275 27.99 7.44 -2.13
CA GLY A 275 27.60 8.27 -3.28
C GLY A 275 27.35 7.55 -4.62
N THR A 276 27.11 6.24 -4.58
CA THR A 276 27.10 5.40 -5.78
C THR A 276 25.80 5.49 -6.61
N ILE A 277 24.86 6.29 -6.11
CA ILE A 277 23.54 6.36 -6.69
C ILE A 277 23.28 7.83 -6.58
N ALA A 278 22.41 8.38 -7.41
CA ALA A 278 22.19 9.83 -7.37
C ALA A 278 21.01 10.23 -6.51
N GLY A 279 20.21 9.27 -6.07
CA GLY A 279 19.04 9.61 -5.27
C GLY A 279 18.13 8.45 -4.91
N ALA A 280 17.03 8.78 -4.23
CA ALA A 280 16.06 7.78 -3.82
C ALA A 280 14.87 8.43 -3.18
N GLY A 281 13.69 7.87 -3.47
CA GLY A 281 12.41 8.32 -2.94
C GLY A 281 11.74 7.12 -2.31
N LEU A 282 11.62 7.13 -0.99
CA LEU A 282 11.19 5.96 -0.29
C LEU A 282 9.97 6.25 0.54
N ASP A 283 8.94 5.44 0.34
CA ASP A 283 7.69 5.59 1.06
C ASP A 283 7.50 4.40 2.04
N VAL A 284 8.34 3.38 1.89
CA VAL A 284 8.29 2.16 2.68
C VAL A 284 9.72 1.77 3.06
N PHE A 285 9.91 1.43 4.34
CA PHE A 285 11.23 1.06 4.83
C PHE A 285 11.16 -0.15 5.77
N VAL A 286 12.28 -0.85 5.93
CA VAL A 286 12.38 -1.95 6.90
C VAL A 286 12.26 -1.43 8.34
N ASN A 287 11.53 -2.20 9.16
CA ASN A 287 11.17 -1.79 10.51
C ASN A 287 10.62 -0.37 10.57
N GLU A 288 9.30 -0.25 10.56
CA GLU A 288 8.64 1.04 10.56
C GLU A 288 7.81 1.24 11.81
N PRO A 289 7.66 2.49 12.26
CA PRO A 289 8.31 3.68 11.69
C PRO A 289 9.62 3.99 12.42
N ALA A 290 10.19 3.03 13.11
CA ALA A 290 11.48 3.24 13.71
C ALA A 290 12.42 2.91 12.61
N ILE A 291 12.64 3.92 11.80
CA ILE A 291 13.33 3.84 10.54
C ILE A 291 14.76 4.32 10.72
N ARG A 292 15.63 3.72 9.92
CA ARG A 292 17.06 3.87 10.06
C ARG A 292 17.61 5.11 10.77
N SER A 293 17.16 6.29 10.34
CA SER A 293 17.63 7.54 10.93
C SER A 293 18.60 8.24 9.98
N GLU A 294 19.47 7.46 9.36
CA GLU A 294 20.44 8.00 8.42
C GLU A 294 19.73 8.62 7.22
N PHE A 295 18.55 8.10 6.90
CA PHE A 295 17.75 8.62 5.79
C PHE A 295 17.53 10.12 5.95
N HIS A 296 16.94 10.52 7.07
CA HIS A 296 16.71 11.93 7.35
C HIS A 296 18.00 12.73 7.21
N THR A 297 19.12 12.02 7.26
CA THR A 297 20.43 12.65 7.12
C THR A 297 20.96 12.48 5.70
N THR A 298 20.73 11.30 5.12
CA THR A 298 21.17 11.03 3.76
C THR A 298 20.90 12.22 2.85
N PRO A 299 21.38 12.15 1.62
CA PRO A 299 21.20 13.24 0.67
C PRO A 299 20.39 12.79 -0.53
N ASN A 300 19.72 13.74 -1.21
CA ASN A 300 18.97 13.42 -2.42
C ASN A 300 17.98 12.32 -2.11
N THR A 301 17.15 12.59 -1.12
CA THR A 301 16.24 11.62 -0.56
C THR A 301 14.92 12.30 -0.26
N VAL A 302 13.84 11.71 -0.76
CA VAL A 302 12.51 12.14 -0.36
C VAL A 302 11.84 10.96 0.35
N LEU A 303 11.20 11.21 1.47
CA LEU A 303 10.66 10.15 2.30
C LEU A 303 9.18 10.33 2.53
N MSE A 304 8.46 9.23 2.70
CA MSE A 304 7.03 9.31 3.05
C MSE A 304 6.67 8.32 4.17
O MSE A 304 7.20 7.22 4.23
CB MSE A 304 6.14 9.05 1.82
CG MSE A 304 6.10 10.17 0.79
SE MSE A 304 5.36 11.87 1.47
CE MSE A 304 3.43 11.58 1.27
N PRO A 305 5.77 8.75 5.07
CA PRO A 305 5.25 7.90 6.16
C PRO A 305 4.31 6.84 5.61
N HIS A 306 4.83 5.93 4.80
CA HIS A 306 4.01 4.90 4.12
C HIS A 306 2.62 5.40 3.66
N GLN A 307 2.63 6.29 2.69
CA GLN A 307 1.40 6.90 2.24
C GLN A 307 0.97 6.42 0.88
N GLY A 308 1.43 5.26 0.47
CA GLY A 308 0.97 4.70 -0.77
C GLY A 308 -0.51 4.85 -1.00
N SER A 309 -1.34 4.32 -0.13
CA SER A 309 -2.76 4.31 -0.34
C SER A 309 -3.50 5.40 0.38
N ALA A 310 -2.77 6.20 1.10
CA ALA A 310 -3.40 7.24 1.86
C ALA A 310 -4.00 8.37 1.05
N THR A 311 -5.09 8.08 0.35
CA THR A 311 -5.98 9.13 -0.15
C THR A 311 -7.41 8.90 0.34
N VAL A 312 -8.19 9.97 0.35
CA VAL A 312 -9.56 9.92 0.81
C VAL A 312 -10.37 9.02 -0.11
N GLU A 313 -10.05 9.11 -1.40
CA GLU A 313 -10.78 8.41 -2.44
C GLU A 313 -10.57 6.91 -2.32
N THR A 314 -9.32 6.53 -2.12
CA THR A 314 -8.94 5.14 -1.97
C THR A 314 -9.52 4.56 -0.70
N ARG A 315 -9.36 5.29 0.39
CA ARG A 315 -9.90 4.86 1.67
C ARG A 315 -11.42 4.80 1.61
N MSE A 316 -12.02 5.68 0.82
CA MSE A 316 -13.47 5.66 0.64
C MSE A 316 -13.88 4.48 -0.23
O MSE A 316 -14.93 3.89 -0.04
CB MSE A 316 -13.96 6.97 0.01
CG MSE A 316 -15.44 7.25 0.23
SE MSE A 316 -15.89 8.18 1.92
CE MSE A 316 -16.28 6.63 3.08
N ALA A 317 -13.03 4.14 -1.19
CA ALA A 317 -13.33 3.03 -2.08
C ALA A 317 -13.22 1.73 -1.30
N MSE A 318 -12.26 1.70 -0.38
CA MSE A 318 -12.02 0.54 0.44
C MSE A 318 -13.12 0.34 1.50
O MSE A 318 -13.57 -0.78 1.72
CB MSE A 318 -10.66 0.66 1.11
CG MSE A 318 -9.52 0.76 0.13
SE MSE A 318 -7.77 0.73 1.01
CE MSE A 318 -8.17 -0.62 2.36
N GLY A 319 -13.57 1.42 2.12
CA GLY A 319 -14.67 1.37 3.07
C GLY A 319 -15.97 0.84 2.48
N LYS A 320 -16.35 1.37 1.32
CA LYS A 320 -17.51 0.90 0.57
C LYS A 320 -17.42 -0.59 0.28
N LEU A 321 -16.26 -1.05 -0.16
CA LEU A 321 -16.07 -2.48 -0.30
C LEU A 321 -16.38 -3.19 1.04
N VAL A 322 -15.74 -2.75 2.13
CA VAL A 322 -15.98 -3.33 3.43
C VAL A 322 -17.47 -3.31 3.78
N LEU A 323 -18.14 -2.18 3.57
CA LEU A 323 -19.59 -2.17 3.77
C LEU A 323 -20.31 -3.23 2.92
N ALA A 324 -19.89 -3.37 1.66
CA ALA A 324 -20.55 -4.30 0.72
C ALA A 324 -20.48 -5.75 1.16
N ASN A 325 -19.31 -6.20 1.60
CA ASN A 325 -19.17 -7.55 2.09
C ASN A 325 -19.99 -7.75 3.37
N LEU A 326 -20.17 -6.67 4.13
CA LEU A 326 -20.94 -6.78 5.35
C LEU A 326 -22.38 -7.07 5.04
N ALA A 327 -23.10 -6.08 4.55
CA ALA A 327 -24.52 -6.21 4.22
C ALA A 327 -24.81 -7.47 3.40
N ALA A 328 -23.87 -7.89 2.56
CA ALA A 328 -23.99 -9.16 1.84
C ALA A 328 -24.18 -10.32 2.81
N HIS A 329 -23.25 -10.48 3.74
CA HIS A 329 -23.28 -11.60 4.66
C HIS A 329 -24.52 -11.60 5.54
N PHE A 330 -24.87 -10.43 6.09
CA PHE A 330 -26.08 -10.31 6.90
C PHE A 330 -27.33 -10.54 6.04
N ALA A 331 -27.13 -10.52 4.73
CA ALA A 331 -28.21 -10.73 3.77
C ALA A 331 -28.29 -12.20 3.39
N GLY A 332 -27.55 -13.03 4.10
CA GLY A 332 -27.63 -14.46 3.87
C GLY A 332 -26.81 -14.89 2.69
N GLU A 333 -26.14 -13.94 2.05
CA GLU A 333 -25.29 -14.29 0.91
C GLU A 333 -23.83 -14.55 1.28
N LYS A 334 -23.09 -15.12 0.34
CA LYS A 334 -21.65 -15.29 0.46
C LYS A 334 -20.96 -13.98 0.03
N ALA A 335 -20.23 -13.37 0.96
CA ALA A 335 -19.54 -12.14 0.69
C ALA A 335 -18.74 -12.22 -0.61
N PRO A 336 -18.78 -11.15 -1.43
CA PRO A 336 -18.17 -11.11 -2.76
C PRO A 336 -16.64 -11.08 -2.74
N ASN A 337 -16.05 -10.56 -1.68
CA ASN A 337 -14.60 -10.44 -1.59
C ASN A 337 -13.99 -11.47 -0.64
N THR A 338 -14.67 -12.61 -0.48
CA THR A 338 -14.19 -13.71 0.35
C THR A 338 -12.91 -14.27 -0.24
N VAL A 339 -11.91 -14.54 0.61
CA VAL A 339 -10.60 -15.01 0.16
C VAL A 339 -10.13 -16.29 0.85
#